data_8CBZ
#
_entry.id   8CBZ
#
_cell.length_a   79.048
_cell.length_b   79.048
_cell.length_c   251.187
_cell.angle_alpha   90.000
_cell.angle_beta   90.000
_cell.angle_gamma   120.000
#
_symmetry.space_group_name_H-M   'P 65 2 2'
#
loop_
_entity.id
_entity.type
_entity.pdbx_description
1 polymer 'anti-cortisol (17) Fab (light chain)'
2 polymer 'anti-cortisol (17) Fab (heavy chain)'
3 non-polymer CORTICOSTERONE
4 water water
#
loop_
_entity_poly.entity_id
_entity_poly.type
_entity_poly.pdbx_seq_one_letter_code
_entity_poly.pdbx_strand_id
1 'polypeptide(L)'
;DIELTQSPAVMSAFPGEEVTMTCSASSSINYMHWYQQKPGTSPKRWIYDTSKLASGVPARFSGSGSGTSYSLTISSMEAE
DAATYYCHQRSIFTFGSGTKLEIKRADAAPTVSIFPPSSEQLTSGGASVVCFLNNFYPKDINVKWKIDGSERQNGVLNSW
TDQDSKDSTYSMSSTLTLTKDEYERHNSYTCEATHKTSTSPIVKSFNRNEC
;
L
2 'polypeptide(L)'
;EVQLVESGGGLVKPGGSLKLSCAASGFAFGNYDMSWVRQTPEKRLEWVAFIGSGGGRIYYGDTMKGRFTISRDNAKNTLY
LQMSSLKSEDTAMYYCTRHYNYYYSMDYWGQGTSVIVSSAKTTPPSVYPLAPGSAAQTNSMVTLGCLVKGYFPEPVTVTW
NSGSLSSGVHTFPAVLQSDLYTLSSSVTVPSSTWPSETVTCNVAHPASSTKVDKKIVPRDCAAAHHHHHH
;
H
#
loop_
_chem_comp.id
_chem_comp.type
_chem_comp.name
_chem_comp.formula
C0R non-polymer CORTICOSTERONE 'C21 H30 O4'
#
# COMPACT_ATOMS: atom_id res chain seq x y z
N ASP A 1 -29.54 6.72 4.99
CA ASP A 1 -28.25 7.37 5.33
C ASP A 1 -27.79 8.19 4.13
N ILE A 2 -27.11 9.31 4.39
CA ILE A 2 -26.57 10.04 3.24
C ILE A 2 -25.21 9.45 2.88
N GLU A 3 -25.07 9.10 1.61
CA GLU A 3 -23.82 8.46 1.18
C GLU A 3 -23.14 9.27 0.08
N LEU A 4 -21.83 9.12 -0.04
CA LEU A 4 -21.04 9.82 -1.03
C LEU A 4 -20.54 8.82 -2.06
N THR A 5 -20.52 9.24 -3.32
CA THR A 5 -19.84 8.46 -4.34
C THR A 5 -18.90 9.40 -5.09
N GLN A 6 -17.76 8.86 -5.51
CA GLN A 6 -16.79 9.66 -6.25
C GLN A 6 -16.53 9.07 -7.62
N SER A 7 -16.32 9.94 -8.59
CA SER A 7 -16.00 9.53 -9.93
C SER A 7 -14.96 10.49 -10.51
N PRO A 8 -14.05 10.00 -11.38
CA PRO A 8 -13.75 8.60 -11.69
C PRO A 8 -13.00 7.95 -10.52
N ALA A 9 -13.03 6.63 -10.41
CA ALA A 9 -12.23 5.96 -9.38
C ALA A 9 -10.74 6.13 -9.62
N VAL A 10 -10.31 6.13 -10.88
CA VAL A 10 -8.90 6.29 -11.25
C VAL A 10 -8.85 7.15 -12.51
N MET A 11 -7.90 8.07 -12.56
CA MET A 11 -7.66 8.85 -13.75
C MET A 11 -6.18 9.12 -13.87
N SER A 12 -5.74 9.29 -15.10
CA SER A 12 -4.36 9.63 -15.33
C SER A 12 -4.34 10.77 -16.34
N ALA A 13 -3.40 11.66 -16.14
CA ALA A 13 -3.32 12.83 -16.98
C ALA A 13 -1.85 13.19 -17.04
N PHE A 14 -1.46 13.81 -18.15
CA PHE A 14 -0.15 14.41 -18.19
C PHE A 14 -0.11 15.64 -17.32
N PRO A 15 1.06 15.95 -16.76
CA PRO A 15 1.26 17.26 -16.17
C PRO A 15 0.94 18.33 -17.21
N GLY A 16 0.32 19.41 -16.77
CA GLY A 16 -0.15 20.47 -17.66
C GLY A 16 -1.62 20.40 -18.00
N GLU A 17 -2.29 19.30 -17.67
CA GLU A 17 -3.69 19.17 -18.04
C GLU A 17 -4.59 19.75 -16.96
N GLU A 18 -5.84 20.03 -17.33
CA GLU A 18 -6.90 20.28 -16.36
C GLU A 18 -7.43 18.96 -15.84
N VAL A 19 -7.58 18.86 -14.51
CA VAL A 19 -8.14 17.68 -13.87
C VAL A 19 -9.40 18.08 -13.11
N THR A 20 -10.46 17.28 -13.25
CA THR A 20 -11.68 17.48 -12.49
C THR A 20 -12.12 16.12 -11.95
N MET A 21 -12.54 16.11 -10.70
CA MET A 21 -13.13 14.91 -10.15
C MET A 21 -14.34 15.29 -9.31
N THR A 22 -15.31 14.37 -9.25
CA THR A 22 -16.64 14.67 -8.79
C THR A 22 -16.98 13.86 -7.55
N CYS A 23 -17.69 14.49 -6.63
CA CYS A 23 -18.18 13.85 -5.41
C CYS A 23 -19.69 14.07 -5.35
N SER A 24 -20.44 12.98 -5.41
CA SER A 24 -21.89 13.03 -5.45
C SER A 24 -22.47 12.57 -4.12
N ALA A 25 -23.53 13.24 -3.67
CA ALA A 25 -24.21 12.90 -2.43
C ALA A 25 -25.61 12.37 -2.76
N SER A 26 -26.03 11.35 -2.01
CA SER A 26 -27.35 10.75 -2.20
C SER A 26 -28.49 11.69 -1.82
N SER A 27 -28.22 12.71 -1.01
CA SER A 27 -29.16 13.79 -0.75
C SER A 27 -28.36 15.04 -0.44
N SER A 28 -29.05 16.18 -0.51
CA SER A 28 -28.38 17.47 -0.48
C SER A 28 -27.68 17.72 0.86
N ILE A 29 -26.45 18.22 0.76
CA ILE A 29 -25.61 18.59 1.90
C ILE A 29 -24.74 19.76 1.46
N ASN A 30 -24.08 20.38 2.44
CA ASN A 30 -23.22 21.52 2.15
C ASN A 30 -21.94 21.39 2.97
N TYR A 31 -20.98 22.25 2.66
CA TYR A 31 -19.67 22.32 3.33
C TYR A 31 -18.88 21.03 3.19
N MET A 32 -18.61 20.68 1.92
CA MET A 32 -17.81 19.52 1.57
C MET A 32 -16.32 19.76 1.79
N HIS A 33 -15.63 18.69 2.18
CA HIS A 33 -14.20 18.67 2.44
C HIS A 33 -13.55 17.65 1.53
N TRP A 34 -12.26 17.83 1.29
CA TRP A 34 -11.49 16.93 0.43
C TRP A 34 -10.15 16.65 1.08
N TYR A 35 -9.79 15.38 1.16
CA TYR A 35 -8.57 14.94 1.81
C TYR A 35 -7.67 14.28 0.79
N GLN A 36 -6.38 14.58 0.89
CA GLN A 36 -5.40 14.05 -0.04
C GLN A 36 -4.60 12.97 0.66
N GLN A 37 -4.45 11.84 0.01
CA GLN A 37 -3.60 10.82 0.60
C GLN A 37 -2.63 10.26 -0.42
N LYS A 38 -1.39 10.14 0.00
CA LYS A 38 -0.35 9.51 -0.79
C LYS A 38 0.13 8.27 -0.05
N PRO A 39 0.68 7.28 -0.76
CA PRO A 39 0.95 5.99 -0.11
C PRO A 39 1.89 6.14 1.07
N GLY A 40 1.59 5.39 2.14
CA GLY A 40 2.42 5.36 3.30
C GLY A 40 2.21 6.50 4.27
N THR A 41 1.31 7.43 3.99
CA THR A 41 1.10 8.55 4.90
C THR A 41 -0.39 8.75 5.12
N SER A 42 -0.68 9.58 6.10
CA SER A 42 -2.03 9.87 6.54
C SER A 42 -2.77 10.76 5.54
N PRO A 43 -4.09 10.73 5.56
CA PRO A 43 -4.85 11.74 4.82
C PRO A 43 -4.51 13.13 5.36
N LYS A 44 -4.49 14.09 4.45
CA LYS A 44 -4.18 15.49 4.67
C LYS A 44 -5.40 16.30 4.28
N ARG A 45 -5.82 17.22 5.14
CA ARG A 45 -6.87 18.14 4.72
C ARG A 45 -6.36 18.95 3.53
N TRP A 46 -7.17 19.02 2.51
CA TRP A 46 -6.76 19.66 1.26
C TRP A 46 -7.70 20.80 0.91
N ILE A 47 -8.99 20.51 0.80
CA ILE A 47 -10.00 21.53 0.61
C ILE A 47 -11.02 21.29 1.70
N TYR A 48 -11.62 22.38 2.19
CA TYR A 48 -12.64 22.24 3.21
C TYR A 48 -13.67 23.33 3.02
N ASP A 49 -14.85 23.07 3.57
CA ASP A 49 -15.96 24.00 3.49
C ASP A 49 -16.25 24.33 2.02
N THR A 50 -16.33 23.26 1.22
CA THR A 50 -16.58 23.25 -0.22
C THR A 50 -15.48 23.91 -1.06
N SER A 51 -14.99 25.08 -0.65
CA SER A 51 -14.11 25.82 -1.53
C SER A 51 -12.89 26.45 -0.87
N LYS A 52 -12.70 26.32 0.44
CA LYS A 52 -11.52 26.88 1.08
C LYS A 52 -10.33 25.95 0.92
N LEU A 53 -9.16 26.52 0.64
CA LEU A 53 -7.98 25.68 0.53
C LEU A 53 -7.27 25.58 1.87
N ALA A 54 -6.79 24.37 2.18
CA ALA A 54 -5.96 24.17 3.35
C ALA A 54 -4.65 24.90 3.16
N SER A 55 -3.95 25.11 4.26
CA SER A 55 -2.63 25.73 4.16
C SER A 55 -1.70 24.85 3.33
N GLY A 56 -0.87 25.49 2.51
CA GLY A 56 0.07 24.78 1.67
C GLY A 56 -0.48 24.25 0.37
N VAL A 57 -1.75 24.50 0.06
CA VAL A 57 -2.37 23.99 -1.15
C VAL A 57 -2.21 25.03 -2.25
N PRO A 58 -1.63 24.69 -3.40
CA PRO A 58 -1.47 25.69 -4.47
C PRO A 58 -2.80 26.16 -5.01
N ALA A 59 -2.80 27.40 -5.51
CA ALA A 59 -4.02 27.99 -6.02
C ALA A 59 -4.53 27.28 -7.27
N ARG A 60 -3.73 26.41 -7.88
CA ARG A 60 -4.22 25.59 -8.99
C ARG A 60 -5.38 24.69 -8.57
N PHE A 61 -5.50 24.35 -7.29
CA PHE A 61 -6.66 23.60 -6.83
C PHE A 61 -7.85 24.51 -6.57
N SER A 62 -9.05 24.00 -6.83
CA SER A 62 -10.27 24.67 -6.42
C SER A 62 -11.31 23.61 -6.09
N GLY A 63 -12.16 23.93 -5.13
CA GLY A 63 -13.30 23.10 -4.80
C GLY A 63 -14.56 23.88 -5.11
N SER A 64 -15.58 23.19 -5.58
CA SER A 64 -16.85 23.85 -5.86
C SER A 64 -17.97 22.83 -5.73
N GLY A 65 -19.20 23.29 -5.93
CA GLY A 65 -20.37 22.43 -5.87
C GLY A 65 -21.38 22.91 -4.85
N SER A 66 -22.53 22.26 -4.89
CA SER A 66 -23.63 22.52 -3.98
C SER A 66 -24.58 21.35 -4.06
N GLY A 67 -25.46 21.25 -3.06
CA GLY A 67 -26.51 20.25 -3.13
C GLY A 67 -25.94 18.85 -3.15
N THR A 68 -26.24 18.12 -4.22
CA THR A 68 -25.85 16.74 -4.35
C THR A 68 -24.57 16.53 -5.15
N SER A 69 -23.96 17.60 -5.64
CA SER A 69 -22.81 17.40 -6.49
C SER A 69 -21.71 18.37 -6.10
N TYR A 70 -20.49 17.84 -6.00
CA TYR A 70 -19.34 18.62 -5.62
C TYR A 70 -18.17 18.14 -6.46
N SER A 71 -17.19 19.03 -6.63
CA SER A 71 -16.07 18.68 -7.48
C SER A 71 -14.79 19.33 -6.97
N LEU A 72 -13.67 18.68 -7.28
CA LEU A 72 -12.34 19.20 -7.01
C LEU A 72 -11.67 19.36 -8.37
N THR A 73 -11.03 20.48 -8.59
CA THR A 73 -10.50 20.80 -9.89
C THR A 73 -9.07 21.25 -9.75
N ILE A 74 -8.25 20.89 -10.72
CA ILE A 74 -6.84 21.25 -10.73
C ILE A 74 -6.50 21.80 -12.09
N SER A 75 -6.00 23.03 -12.11
CA SER A 75 -5.46 23.59 -13.34
C SER A 75 -3.99 23.19 -13.48
N SER A 76 -3.53 23.08 -14.73
CA SER A 76 -2.14 22.80 -15.07
C SER A 76 -1.49 21.83 -14.08
N MET A 77 -1.93 20.58 -14.13
CA MET A 77 -1.60 19.63 -13.08
C MET A 77 -0.10 19.38 -13.04
N GLU A 78 0.42 19.14 -11.84
CA GLU A 78 1.83 18.91 -11.62
C GLU A 78 2.03 17.52 -11.04
N ALA A 79 3.24 16.96 -11.23
CA ALA A 79 3.45 15.57 -10.84
C ALA A 79 3.14 15.34 -9.36
N GLU A 80 3.41 16.32 -8.50
CA GLU A 80 3.21 16.18 -7.06
C GLU A 80 1.74 16.11 -6.70
N ASP A 81 0.84 16.48 -7.61
CA ASP A 81 -0.59 16.35 -7.39
C ASP A 81 -1.04 14.90 -7.33
N ALA A 82 -0.25 13.97 -7.87
CA ALA A 82 -0.65 12.57 -7.90
C ALA A 82 -0.89 12.07 -6.48
N ALA A 83 -2.10 11.59 -6.25
CA ALA A 83 -2.56 11.18 -4.94
C ALA A 83 -3.98 10.65 -5.09
N THR A 84 -4.50 10.07 -4.01
CA THR A 84 -5.93 9.78 -3.92
C THR A 84 -6.60 10.92 -3.15
N TYR A 85 -7.73 11.38 -3.68
CA TYR A 85 -8.50 12.49 -3.10
C TYR A 85 -9.86 11.95 -2.65
N TYR A 86 -10.15 12.09 -1.36
CA TYR A 86 -11.38 11.62 -0.74
C TYR A 86 -12.26 12.79 -0.36
N CYS A 87 -13.53 12.73 -0.72
CA CYS A 87 -14.47 13.72 -0.17
C CYS A 87 -15.12 13.22 1.12
N HIS A 88 -15.47 14.16 1.98
CA HIS A 88 -16.21 13.84 3.19
C HIS A 88 -16.94 15.10 3.64
N GLN A 89 -17.99 14.91 4.43
CA GLN A 89 -18.86 15.98 4.88
C GLN A 89 -19.42 15.59 6.25
N ARG A 90 -19.83 16.60 7.03
CA ARG A 90 -19.93 16.43 8.47
C ARG A 90 -21.03 15.44 8.89
N SER A 91 -21.94 15.07 7.99
CA SER A 91 -23.01 14.15 8.34
C SER A 91 -22.79 12.72 7.82
N ILE A 92 -21.61 12.45 7.25
CA ILE A 92 -21.34 11.20 6.53
C ILE A 92 -20.52 10.24 7.37
N PHE A 93 -20.95 8.98 7.42
CA PHE A 93 -20.17 7.96 8.11
C PHE A 93 -18.96 7.56 7.29
N THR A 94 -19.19 7.23 6.01
CA THR A 94 -18.16 6.66 5.15
C THR A 94 -17.68 7.72 4.17
N PHE A 95 -16.37 7.98 4.19
CA PHE A 95 -15.82 8.92 3.23
C PHE A 95 -16.11 8.40 1.83
N GLY A 96 -16.19 9.32 0.87
CA GLY A 96 -16.17 8.87 -0.51
C GLY A 96 -15.02 7.92 -0.79
N SER A 97 -15.17 7.06 -1.79
CA SER A 97 -14.18 6.00 -2.04
C SER A 97 -12.91 6.52 -2.71
N GLY A 98 -12.90 7.76 -3.16
CA GLY A 98 -11.70 8.45 -3.61
C GLY A 98 -11.54 8.41 -5.11
N THR A 99 -10.84 9.42 -5.63
CA THR A 99 -10.32 9.41 -6.99
C THR A 99 -8.80 9.35 -6.91
N LYS A 100 -8.20 8.36 -7.57
CA LYS A 100 -6.74 8.25 -7.61
C LYS A 100 -6.25 8.92 -8.87
N LEU A 101 -5.50 9.99 -8.71
CA LEU A 101 -4.97 10.71 -9.85
C LEU A 101 -3.55 10.20 -10.10
N GLU A 102 -3.34 9.66 -11.28
CA GLU A 102 -2.05 9.09 -11.65
C GLU A 102 -1.45 9.90 -12.80
N ILE A 103 -0.15 9.76 -12.96
CA ILE A 103 0.61 10.58 -13.91
C ILE A 103 0.78 9.81 -15.21
N LYS A 104 0.30 10.39 -16.31
CA LYS A 104 0.59 9.81 -17.60
C LYS A 104 2.01 10.16 -18.02
N ARG A 105 2.65 9.21 -18.69
CA ARG A 105 4.00 9.36 -19.25
C ARG A 105 4.08 8.52 -20.51
N ALA A 106 5.25 8.56 -21.16
CA ALA A 106 5.45 7.81 -22.40
C ALA A 106 5.40 6.31 -22.14
N ASP A 107 4.87 5.58 -23.11
CA ASP A 107 4.85 4.12 -23.00
C ASP A 107 6.26 3.59 -22.80
N ALA A 108 6.41 2.54 -21.98
CA ALA A 108 7.72 1.90 -21.81
C ALA A 108 7.54 0.38 -21.68
N ALA A 109 8.39 -0.39 -22.39
CA ALA A 109 8.27 -1.85 -22.25
C ALA A 109 8.96 -2.30 -20.96
N PRO A 110 8.44 -3.35 -20.30
CA PRO A 110 9.08 -3.86 -19.09
C PRO A 110 10.44 -4.47 -19.37
N THR A 111 11.36 -4.35 -18.41
CA THR A 111 12.52 -5.25 -18.30
C THR A 111 12.07 -6.51 -17.56
N VAL A 112 12.22 -7.67 -18.18
CA VAL A 112 11.64 -8.90 -17.67
C VAL A 112 12.75 -9.82 -17.19
N SER A 113 12.57 -10.42 -16.03
CA SER A 113 13.58 -11.37 -15.59
C SER A 113 12.94 -12.48 -14.75
N ILE A 114 13.46 -13.69 -14.93
CA ILE A 114 12.85 -14.88 -14.34
C ILE A 114 13.85 -15.57 -13.43
N PHE A 115 13.35 -16.12 -12.32
CA PHE A 115 14.20 -16.77 -11.34
C PHE A 115 13.65 -18.14 -11.01
N PRO A 116 14.44 -19.19 -11.18
CA PRO A 116 14.03 -20.50 -10.72
C PRO A 116 13.91 -20.49 -9.21
N PRO A 117 13.18 -21.43 -8.63
CA PRO A 117 13.17 -21.54 -7.17
C PRO A 117 14.61 -21.70 -6.69
N SER A 118 14.90 -21.05 -5.57
CA SER A 118 16.20 -21.22 -4.92
C SER A 118 16.35 -22.63 -4.36
N SER A 119 17.61 -23.10 -4.28
CA SER A 119 17.81 -24.41 -3.66
C SER A 119 17.38 -24.39 -2.20
N GLU A 120 17.51 -23.24 -1.54
CA GLU A 120 17.07 -23.14 -0.15
C GLU A 120 15.56 -23.32 -0.01
N GLN A 121 14.78 -22.73 -0.93
CA GLN A 121 13.34 -22.97 -0.87
C GLN A 121 13.00 -24.40 -1.21
N LEU A 122 13.68 -24.97 -2.20
CA LEU A 122 13.42 -26.34 -2.59
C LEU A 122 13.65 -27.28 -1.41
N THR A 123 14.60 -26.94 -0.54
CA THR A 123 14.93 -27.79 0.60
C THR A 123 13.73 -27.90 1.54
N SER A 124 12.96 -26.82 1.67
CA SER A 124 11.76 -26.78 2.49
C SER A 124 10.55 -27.36 1.80
N GLY A 125 10.68 -27.82 0.56
CA GLY A 125 9.55 -28.41 -0.14
C GLY A 125 8.65 -27.45 -0.89
N GLY A 126 9.02 -26.18 -0.99
CA GLY A 126 8.24 -25.26 -1.80
C GLY A 126 9.00 -24.85 -3.05
N ALA A 127 8.30 -24.29 -4.04
CA ALA A 127 8.97 -23.87 -5.27
C ALA A 127 8.23 -22.67 -5.85
N SER A 128 8.83 -21.50 -5.70
CA SER A 128 8.27 -20.27 -6.26
C SER A 128 9.12 -19.91 -7.46
N VAL A 129 8.51 -19.72 -8.62
CA VAL A 129 9.20 -19.18 -9.79
C VAL A 129 8.83 -17.71 -9.87
N VAL A 130 9.83 -16.83 -9.79
CA VAL A 130 9.58 -15.39 -9.68
C VAL A 130 9.90 -14.73 -11.00
N CYS A 131 8.97 -13.89 -11.46
CA CYS A 131 9.20 -13.11 -12.69
C CYS A 131 8.98 -11.62 -12.40
N PHE A 132 9.99 -10.80 -12.63
CA PHE A 132 9.89 -9.36 -12.44
C PHE A 132 9.64 -8.69 -13.80
N LEU A 133 8.66 -7.79 -13.84
CA LEU A 133 8.43 -6.98 -15.02
C LEU A 133 8.59 -5.54 -14.58
N ASN A 134 9.76 -4.95 -14.81
CA ASN A 134 10.17 -3.73 -14.12
C ASN A 134 10.16 -2.53 -15.07
N ASN A 135 9.70 -1.38 -14.55
CA ASN A 135 9.82 -0.08 -15.20
C ASN A 135 9.08 -0.04 -16.51
N PHE A 136 7.78 -0.36 -16.49
CA PHE A 136 6.97 -0.28 -17.70
C PHE A 136 5.84 0.75 -17.55
N TYR A 137 5.25 1.12 -18.69
CA TYR A 137 4.07 2.02 -18.70
C TYR A 137 3.28 1.76 -19.98
N PRO A 138 1.93 1.73 -19.94
CA PRO A 138 0.99 1.93 -18.83
C PRO A 138 0.94 0.76 -17.84
N LYS A 139 0.06 0.85 -16.85
CA LYS A 139 0.05 -0.20 -15.79
C LYS A 139 -0.50 -1.53 -16.31
N ASP A 140 -1.48 -1.45 -17.21
CA ASP A 140 -2.11 -2.66 -17.77
C ASP A 140 -1.08 -3.50 -18.52
N ILE A 141 -0.76 -4.65 -18.00
CA ILE A 141 0.20 -5.56 -18.67
C ILE A 141 -0.30 -6.97 -18.44
N ASN A 142 -0.07 -7.83 -19.41
CA ASN A 142 -0.52 -9.20 -19.33
C ASN A 142 0.68 -10.11 -19.15
N VAL A 143 0.65 -10.96 -18.13
CA VAL A 143 1.71 -11.94 -17.90
C VAL A 143 1.13 -13.32 -18.15
N LYS A 144 1.80 -14.09 -19.00
CA LYS A 144 1.44 -15.47 -19.26
C LYS A 144 2.59 -16.39 -18.83
N TRP A 145 2.25 -17.48 -18.16
CA TRP A 145 3.18 -18.53 -17.76
C TRP A 145 2.96 -19.75 -18.65
N LYS A 146 4.04 -20.31 -19.17
CA LYS A 146 3.91 -21.58 -19.86
C LYS A 146 4.89 -22.58 -19.29
N ILE A 147 4.41 -23.80 -19.14
CA ILE A 147 5.15 -24.87 -18.51
C ILE A 147 5.14 -26.04 -19.49
N ASP A 148 6.31 -26.38 -20.01
CA ASP A 148 6.45 -27.46 -20.98
C ASP A 148 5.46 -27.30 -22.13
N GLY A 149 5.35 -26.05 -22.62
CA GLY A 149 4.61 -25.76 -23.83
C GLY A 149 3.12 -25.54 -23.63
N SER A 150 2.61 -25.70 -22.43
CA SER A 150 1.21 -25.51 -22.16
C SER A 150 1.03 -24.36 -21.18
N GLU A 151 0.04 -23.53 -21.44
CA GLU A 151 -0.22 -22.39 -20.57
C GLU A 151 -0.65 -22.85 -19.18
N ARG A 152 -0.21 -22.11 -18.16
CA ARG A 152 -0.50 -22.41 -16.77
C ARG A 152 -1.13 -21.18 -16.12
N GLN A 153 -2.20 -21.39 -15.36
CA GLN A 153 -3.00 -20.31 -14.77
C GLN A 153 -3.14 -20.40 -13.26
N ASN A 154 -3.24 -21.61 -12.72
CA ASN A 154 -3.34 -21.81 -11.28
C ASN A 154 -2.01 -21.49 -10.58
N GLY A 155 -2.09 -20.93 -9.37
CA GLY A 155 -0.90 -20.68 -8.60
C GLY A 155 -0.09 -19.45 -8.98
N VAL A 156 -0.65 -18.55 -9.79
CA VAL A 156 0.01 -17.30 -10.14
C VAL A 156 -0.56 -16.14 -9.33
N LEU A 157 0.33 -15.39 -8.66
CA LEU A 157 -0.03 -14.17 -7.96
C LEU A 157 0.77 -13.01 -8.55
N ASN A 158 0.10 -11.91 -8.86
CA ASN A 158 0.72 -10.72 -9.43
C ASN A 158 0.61 -9.53 -8.49
N SER A 159 1.69 -8.76 -8.37
CA SER A 159 1.68 -7.62 -7.46
C SER A 159 2.35 -6.42 -8.13
N TRP A 160 1.58 -5.34 -8.32
CA TRP A 160 2.09 -4.10 -8.89
C TRP A 160 2.61 -3.16 -7.82
N THR A 161 3.70 -2.48 -8.11
CA THR A 161 4.09 -1.36 -7.28
C THR A 161 3.15 -0.17 -7.52
N ASP A 162 3.12 0.73 -6.56
CA ASP A 162 2.56 2.04 -6.82
C ASP A 162 3.38 2.73 -7.91
N GLN A 163 2.71 3.58 -8.68
CA GLN A 163 3.44 4.35 -9.67
C GLN A 163 4.67 4.98 -9.06
N ASP A 164 5.80 4.82 -9.75
CA ASP A 164 7.07 5.24 -9.21
C ASP A 164 7.15 6.75 -9.08
N SER A 165 7.68 7.22 -7.94
CA SER A 165 7.66 8.64 -7.63
C SER A 165 8.65 9.46 -8.45
N LYS A 166 9.62 8.80 -9.08
CA LYS A 166 10.65 9.53 -9.85
C LYS A 166 10.35 9.49 -11.34
N ASP A 167 10.08 8.31 -11.90
CA ASP A 167 9.90 8.20 -13.35
C ASP A 167 8.50 7.80 -13.81
N SER A 168 7.55 7.65 -12.89
CA SER A 168 6.15 7.34 -13.14
C SER A 168 5.95 6.00 -13.84
N THR A 169 6.93 5.11 -13.81
CA THR A 169 6.68 3.77 -14.31
C THR A 169 6.04 2.90 -13.25
N TYR A 170 5.52 1.78 -13.70
CA TYR A 170 5.07 0.69 -12.86
C TYR A 170 6.05 -0.47 -12.94
N SER A 171 6.03 -1.30 -11.91
CA SER A 171 6.75 -2.56 -11.91
C SER A 171 5.80 -3.58 -11.29
N MET A 172 6.00 -4.85 -11.63
CA MET A 172 5.13 -5.88 -11.09
C MET A 172 5.93 -7.16 -10.96
N SER A 173 5.59 -7.94 -9.95
CA SER A 173 6.10 -9.29 -9.83
C SER A 173 4.97 -10.24 -10.20
N SER A 174 5.31 -11.28 -10.94
CA SER A 174 4.40 -12.39 -11.16
C SER A 174 5.07 -13.63 -10.57
N THR A 175 4.45 -14.23 -9.55
CA THR A 175 5.06 -15.36 -8.86
C THR A 175 4.19 -16.60 -9.07
N LEU A 176 4.80 -17.66 -9.61
CA LEU A 176 4.20 -18.98 -9.74
C LEU A 176 4.68 -19.86 -8.59
N THR A 177 3.76 -20.21 -7.69
CA THR A 177 4.10 -21.02 -6.53
C THR A 177 3.59 -22.43 -6.74
N LEU A 178 4.46 -23.40 -6.50
CA LEU A 178 4.17 -24.80 -6.74
C LEU A 178 4.78 -25.59 -5.60
N THR A 179 4.27 -26.81 -5.41
CA THR A 179 4.96 -27.74 -4.54
C THR A 179 6.28 -28.13 -5.19
N LYS A 180 7.25 -28.54 -4.37
CA LYS A 180 8.51 -29.01 -4.95
C LYS A 180 8.24 -30.18 -5.89
N ASP A 181 7.33 -31.07 -5.50
CA ASP A 181 7.08 -32.25 -6.33
C ASP A 181 6.44 -31.85 -7.67
N GLU A 182 5.51 -30.91 -7.66
CA GLU A 182 4.98 -30.44 -8.94
C GLU A 182 6.04 -29.72 -9.77
N TYR A 183 6.92 -28.96 -9.12
CA TYR A 183 7.97 -28.28 -9.87
C TYR A 183 8.92 -29.27 -10.53
N GLU A 184 9.19 -30.39 -9.85
CA GLU A 184 10.19 -31.31 -10.35
C GLU A 184 9.67 -32.15 -11.50
N ARG A 185 8.35 -32.20 -11.72
CA ARG A 185 7.76 -32.96 -12.81
C ARG A 185 7.73 -32.21 -14.14
N HIS A 186 8.18 -30.96 -14.17
CA HIS A 186 8.26 -30.26 -15.45
C HIS A 186 9.60 -29.58 -15.59
N ASN A 187 9.82 -29.03 -16.78
CA ASN A 187 11.19 -28.69 -17.15
C ASN A 187 11.31 -27.27 -17.68
N SER A 188 10.54 -26.93 -18.70
CA SER A 188 10.61 -25.60 -19.28
C SER A 188 9.61 -24.69 -18.57
N TYR A 189 10.11 -23.59 -18.01
CA TYR A 189 9.30 -22.57 -17.38
C TYR A 189 9.49 -21.26 -18.12
N THR A 190 8.40 -20.66 -18.56
CA THR A 190 8.42 -19.42 -19.32
C THR A 190 7.50 -18.39 -18.69
N CYS A 191 8.04 -17.16 -18.62
CA CYS A 191 7.25 -15.98 -18.19
C CYS A 191 7.20 -15.06 -19.41
N GLU A 192 6.01 -14.72 -19.91
CA GLU A 192 5.82 -13.88 -21.08
C GLU A 192 5.06 -12.62 -20.67
N ALA A 193 5.61 -11.48 -21.02
CA ALA A 193 4.95 -10.19 -20.83
C ALA A 193 4.33 -9.75 -22.14
N THR A 194 3.04 -9.47 -22.16
CA THR A 194 2.44 -8.82 -23.30
C THR A 194 1.92 -7.45 -22.88
N HIS A 195 2.43 -6.41 -23.54
CA HIS A 195 2.11 -5.01 -23.22
C HIS A 195 1.82 -4.32 -24.54
N LYS A 196 1.29 -3.11 -24.51
CA LYS A 196 0.89 -2.42 -25.73
C LYS A 196 2.06 -1.74 -26.44
N THR A 197 3.25 -1.74 -25.84
CA THR A 197 4.44 -1.23 -26.50
C THR A 197 4.90 -2.08 -27.69
N SER A 198 4.51 -3.36 -27.76
CA SER A 198 4.84 -4.19 -28.93
C SER A 198 3.81 -5.29 -29.08
N THR A 199 3.57 -5.68 -30.35
CA THR A 199 2.68 -6.80 -30.62
C THR A 199 3.29 -8.16 -30.22
N SER A 200 4.63 -8.22 -30.11
CA SER A 200 5.37 -9.43 -29.76
C SER A 200 5.72 -9.47 -28.28
N PRO A 201 5.45 -10.57 -27.58
CA PRO A 201 5.74 -10.65 -26.14
C PRO A 201 7.23 -10.61 -25.85
N ILE A 202 7.54 -10.17 -24.65
CA ILE A 202 8.88 -10.34 -24.07
C ILE A 202 8.88 -11.66 -23.31
N VAL A 203 9.85 -12.53 -23.61
CA VAL A 203 9.83 -13.92 -23.16
C VAL A 203 11.11 -14.18 -22.37
N LYS A 204 10.97 -14.72 -21.16
CA LYS A 204 12.11 -15.20 -20.39
C LYS A 204 11.79 -16.60 -19.89
N SER A 205 12.80 -17.49 -19.89
CA SER A 205 12.54 -18.90 -19.65
C SER A 205 13.78 -19.57 -19.09
N PHE A 206 13.60 -20.78 -18.56
CA PHE A 206 14.72 -21.61 -18.16
C PHE A 206 14.28 -23.06 -18.14
N ASN A 207 15.27 -23.94 -18.15
CA ASN A 207 15.07 -25.37 -17.95
C ASN A 207 15.51 -25.76 -16.54
N ARG A 208 14.65 -26.49 -15.83
CA ARG A 208 15.01 -26.91 -14.49
C ARG A 208 16.20 -27.87 -14.49
N ASN A 209 16.34 -28.72 -15.54
CA ASN A 209 17.44 -29.69 -15.57
C ASN A 209 18.75 -29.07 -16.01
N GLU A 210 18.82 -27.74 -16.04
CA GLU A 210 20.09 -27.03 -16.13
C GLU A 210 20.39 -26.41 -14.79
N CYS A 211 21.68 -26.29 -14.47
CA CYS A 211 22.07 -25.82 -13.15
C CYS A 211 21.49 -26.71 -12.05
N GLU B 1 5.18 21.46 15.20
CA GLU B 1 4.36 22.15 16.19
C GLU B 1 3.27 21.18 16.65
N VAL B 2 2.09 21.30 16.02
CA VAL B 2 1.00 20.37 16.33
C VAL B 2 1.44 18.96 16.00
N GLN B 3 1.22 18.04 16.93
CA GLN B 3 1.55 16.64 16.76
C GLN B 3 0.42 15.80 17.31
N LEU B 4 0.02 14.79 16.55
CA LEU B 4 -0.86 13.74 17.04
C LEU B 4 -0.13 12.43 16.82
N VAL B 5 0.06 11.67 17.90
CA VAL B 5 0.84 10.45 17.87
C VAL B 5 0.02 9.33 18.46
N GLU B 6 -0.44 8.41 17.61
CA GLU B 6 -1.26 7.28 18.03
C GLU B 6 -0.39 6.15 18.56
N SER B 7 -1.00 5.27 19.34
CA SER B 7 -0.32 4.05 19.76
C SER B 7 -1.36 3.01 20.19
N GLY B 8 -0.87 1.80 20.42
CA GLY B 8 -1.65 0.72 20.98
C GLY B 8 -2.25 -0.21 19.96
N GLY B 9 -2.00 0.00 18.66
CA GLY B 9 -2.44 -0.96 17.68
C GLY B 9 -1.62 -2.23 17.73
N GLY B 10 -2.21 -3.30 17.21
CA GLY B 10 -1.50 -4.56 17.22
C GLY B 10 -2.38 -5.66 16.66
N LEU B 11 -1.92 -6.89 16.85
CA LEU B 11 -2.71 -8.07 16.53
C LEU B 11 -3.65 -8.41 17.67
N VAL B 12 -4.91 -8.66 17.36
CA VAL B 12 -5.89 -9.06 18.36
C VAL B 12 -6.74 -10.17 17.76
N LYS B 13 -7.05 -11.15 18.59
CA LYS B 13 -7.91 -12.25 18.10
C LYS B 13 -9.34 -11.75 17.99
N PRO B 14 -10.15 -12.35 17.10
CA PRO B 14 -11.54 -12.00 17.01
C PRO B 14 -12.23 -12.16 18.37
N GLY B 15 -13.07 -11.20 18.75
CA GLY B 15 -13.76 -11.24 20.06
C GLY B 15 -12.99 -10.47 21.11
N GLY B 16 -11.76 -10.08 20.79
CA GLY B 16 -10.92 -9.41 21.74
C GLY B 16 -11.18 -7.92 21.85
N SER B 17 -10.37 -7.28 22.67
CA SER B 17 -10.47 -5.86 22.96
C SER B 17 -9.10 -5.22 22.86
N LEU B 18 -9.09 -3.91 22.61
CA LEU B 18 -7.86 -3.13 22.49
C LEU B 18 -8.17 -1.68 22.79
N LYS B 19 -7.28 -1.02 23.53
CA LYS B 19 -7.33 0.42 23.74
C LYS B 19 -6.28 1.08 22.84
N LEU B 20 -6.71 2.03 22.02
CA LEU B 20 -5.81 2.90 21.27
C LEU B 20 -5.64 4.23 21.97
N SER B 21 -4.44 4.77 21.90
CA SER B 21 -4.11 6.04 22.49
C SER B 21 -3.67 7.01 21.40
N CYS B 22 -3.89 8.30 21.65
CA CYS B 22 -3.45 9.37 20.73
C CYS B 22 -2.93 10.54 21.55
N ALA B 23 -1.60 10.66 21.66
CA ALA B 23 -0.95 11.72 22.42
C ALA B 23 -0.89 12.99 21.58
N ALA B 24 -1.41 14.09 22.14
CA ALA B 24 -1.43 15.37 21.45
C ALA B 24 -0.35 16.28 21.99
N SER B 25 0.24 17.09 21.11
CA SER B 25 1.20 18.12 21.50
C SER B 25 0.95 19.37 20.68
N GLY B 26 1.42 20.51 21.18
CA GLY B 26 1.52 21.73 20.40
C GLY B 26 0.28 22.57 20.29
N PHE B 27 -0.81 22.22 20.98
CA PHE B 27 -2.02 23.03 20.90
C PHE B 27 -2.82 22.79 22.18
N ALA B 28 -3.75 23.69 22.45
CA ALA B 28 -4.57 23.54 23.65
C ALA B 28 -5.58 22.42 23.42
N PHE B 29 -5.18 21.19 23.76
CA PHE B 29 -5.95 19.99 23.42
C PHE B 29 -7.39 20.07 23.89
N GLY B 30 -7.63 20.71 25.02
CA GLY B 30 -8.98 20.73 25.56
C GLY B 30 -9.94 21.65 24.89
N ASN B 31 -9.46 22.50 23.99
CA ASN B 31 -10.35 23.41 23.24
C ASN B 31 -10.91 22.79 21.95
N TYR B 32 -10.51 21.58 21.58
CA TYR B 32 -10.83 21.06 20.27
C TYR B 32 -11.60 19.74 20.32
N ASP B 33 -12.60 19.64 19.44
CA ASP B 33 -13.20 18.34 19.16
C ASP B 33 -12.17 17.44 18.46
N MET B 34 -12.22 16.14 18.79
CA MET B 34 -11.29 15.10 18.33
C MET B 34 -12.08 13.94 17.73
N SER B 35 -11.50 13.23 16.76
CA SER B 35 -12.15 12.07 16.19
C SER B 35 -11.16 10.92 15.98
N TRP B 36 -11.73 9.72 15.85
CA TRP B 36 -11.02 8.57 15.32
C TRP B 36 -11.63 8.24 13.97
N VAL B 37 -10.78 8.11 12.96
CA VAL B 37 -11.15 7.67 11.62
C VAL B 37 -10.30 6.46 11.30
N ARG B 38 -10.90 5.44 10.69
CA ARG B 38 -10.11 4.27 10.34
C ARG B 38 -10.10 4.11 8.84
N GLN B 39 -9.00 3.56 8.34
CA GLN B 39 -8.91 3.19 6.93
C GLN B 39 -8.76 1.68 6.84
N THR B 40 -9.72 1.05 6.17
CA THR B 40 -9.75 -0.39 6.01
C THR B 40 -8.71 -0.81 4.97
N PRO B 41 -8.38 -2.11 4.90
CA PRO B 41 -7.40 -2.54 3.90
C PRO B 41 -7.81 -2.18 2.48
N GLU B 42 -9.11 -2.13 2.21
CA GLU B 42 -9.61 -1.64 0.92
C GLU B 42 -9.52 -0.12 0.78
N LYS B 43 -8.87 0.56 1.73
CA LYS B 43 -8.61 2.00 1.73
C LYS B 43 -9.88 2.82 1.98
N ARG B 44 -10.97 2.16 2.39
CA ARG B 44 -12.19 2.84 2.79
C ARG B 44 -11.99 3.58 4.11
N LEU B 45 -12.45 4.83 4.17
CA LEU B 45 -12.27 5.66 5.35
C LEU B 45 -13.61 5.78 6.04
N GLU B 46 -13.63 5.49 7.33
CA GLU B 46 -14.86 5.44 8.12
C GLU B 46 -14.70 6.29 9.37
N TRP B 47 -15.69 7.14 9.62
CA TRP B 47 -15.72 7.97 10.83
C TRP B 47 -16.19 7.10 12.00
N VAL B 48 -15.21 6.64 12.79
CA VAL B 48 -15.48 5.71 13.88
C VAL B 48 -16.10 6.42 15.08
N ALA B 49 -15.49 7.53 15.51
CA ALA B 49 -15.92 8.15 16.76
C ALA B 49 -15.53 9.62 16.77
N PHE B 50 -16.34 10.41 17.47
CA PHE B 50 -16.16 11.83 17.66
C PHE B 50 -16.41 12.14 19.14
N ILE B 51 -15.64 13.07 19.67
CA ILE B 51 -15.81 13.51 21.05
C ILE B 51 -15.56 15.00 21.12
N GLY B 52 -16.49 15.71 21.73
CA GLY B 52 -16.37 17.15 21.86
C GLY B 52 -15.27 17.50 22.83
N SER B 53 -14.89 18.78 22.80
CA SER B 53 -13.72 19.25 23.52
C SER B 53 -13.82 18.95 25.01
N GLY B 54 -15.02 19.08 25.57
CA GLY B 54 -15.21 18.79 26.97
C GLY B 54 -15.49 17.34 27.33
N GLY B 55 -15.62 16.45 26.35
CA GLY B 55 -15.92 15.06 26.64
C GLY B 55 -17.37 14.78 26.96
N GLY B 56 -18.25 15.75 26.77
CA GLY B 56 -19.67 15.63 27.08
C GLY B 56 -20.55 15.38 25.89
N ARG B 57 -19.98 15.20 24.71
N ARG B 57 -19.97 15.40 24.69
CA ARG B 57 -20.73 15.06 23.47
CA ARG B 57 -20.73 15.09 23.46
C ARG B 57 -19.99 14.06 22.61
C ARG B 57 -19.97 14.00 22.70
N ILE B 58 -20.70 13.04 22.11
CA ILE B 58 -20.03 11.91 21.48
C ILE B 58 -20.91 11.38 20.37
N TYR B 59 -20.27 10.92 19.29
N TYR B 59 -20.35 10.98 19.28
CA TYR B 59 -20.92 10.23 18.19
CA TYR B 59 -21.00 10.29 18.18
C TYR B 59 -20.08 9.03 17.79
C TYR B 59 -20.15 9.10 17.78
N TYR B 60 -20.75 8.00 17.29
CA TYR B 60 -20.13 6.79 16.80
C TYR B 60 -20.67 6.50 15.40
N GLY B 61 -19.81 5.90 14.57
CA GLY B 61 -20.22 5.54 13.23
C GLY B 61 -21.16 4.33 13.22
N ASP B 62 -21.76 4.11 12.04
CA ASP B 62 -22.91 3.24 11.94
C ASP B 62 -22.62 1.79 12.32
N THR B 63 -21.43 1.27 12.02
CA THR B 63 -21.18 -0.13 12.33
C THR B 63 -20.51 -0.32 13.68
N MET B 64 -20.25 0.76 14.42
CA MET B 64 -19.62 0.60 15.73
C MET B 64 -20.52 -0.15 16.72
N LYS B 65 -21.83 0.13 16.68
CA LYS B 65 -22.82 -0.66 17.42
C LYS B 65 -22.41 -0.91 18.86
N GLY B 66 -21.96 0.15 19.54
CA GLY B 66 -21.74 0.09 20.97
C GLY B 66 -20.46 -0.58 21.41
N ARG B 67 -19.69 -1.11 20.46
CA ARG B 67 -18.43 -1.81 20.75
C ARG B 67 -17.24 -0.88 20.89
N PHE B 68 -17.40 0.40 20.60
CA PHE B 68 -16.31 1.35 20.69
C PHE B 68 -16.64 2.39 21.75
N THR B 69 -15.63 2.79 22.53
CA THR B 69 -15.79 3.84 23.52
C THR B 69 -14.71 4.90 23.33
N ILE B 70 -15.10 6.09 22.90
CA ILE B 70 -14.14 7.18 22.78
C ILE B 70 -14.11 7.95 24.09
N SER B 71 -12.91 8.30 24.54
CA SER B 71 -12.74 9.10 25.75
C SER B 71 -11.48 9.95 25.62
N ARG B 72 -11.31 10.89 26.54
CA ARG B 72 -10.18 11.81 26.47
C ARG B 72 -9.81 12.29 27.87
N ASP B 73 -8.52 12.50 28.07
CA ASP B 73 -8.00 13.03 29.32
C ASP B 73 -7.31 14.34 28.93
N ASN B 74 -8.03 15.44 29.09
CA ASN B 74 -7.50 16.74 28.73
C ASN B 74 -6.29 17.12 29.57
N ALA B 75 -6.23 16.65 30.82
CA ALA B 75 -5.08 16.97 31.66
C ALA B 75 -3.79 16.35 31.11
N LYS B 76 -3.90 15.21 30.44
CA LYS B 76 -2.75 14.51 29.87
C LYS B 76 -2.74 14.56 28.34
N ASN B 77 -3.54 15.43 27.74
CA ASN B 77 -3.46 15.74 26.30
C ASN B 77 -3.56 14.47 25.46
N THR B 78 -4.44 13.56 25.85
CA THR B 78 -4.54 12.24 25.22
C THR B 78 -6.00 11.92 24.89
N LEU B 79 -6.20 11.39 23.69
CA LEU B 79 -7.45 10.82 23.22
C LEU B 79 -7.32 9.31 23.21
N TYR B 80 -8.40 8.61 23.57
CA TYR B 80 -8.44 7.15 23.62
C TYR B 80 -9.56 6.60 22.76
N LEU B 81 -9.40 5.34 22.39
CA LEU B 81 -10.47 4.54 21.81
C LEU B 81 -10.38 3.13 22.37
N GLN B 82 -11.31 2.79 23.26
CA GLN B 82 -11.54 1.39 23.64
C GLN B 82 -12.34 0.67 22.58
N MET B 83 -11.87 -0.51 22.24
CA MET B 83 -12.48 -1.33 21.22
C MET B 83 -12.77 -2.67 21.89
N SER B 84 -13.89 -3.29 21.54
CA SER B 84 -14.21 -4.55 22.21
C SER B 84 -15.02 -5.40 21.26
N SER B 85 -15.04 -6.71 21.53
CA SER B 85 -15.73 -7.68 20.68
C SER B 85 -15.32 -7.49 19.23
N LEU B 86 -14.00 -7.41 19.03
CA LEU B 86 -13.47 -7.05 17.73
C LEU B 86 -13.81 -8.12 16.69
N LYS B 87 -14.13 -7.65 15.48
CA LYS B 87 -14.43 -8.51 14.36
C LYS B 87 -13.41 -8.27 13.26
N SER B 88 -13.38 -9.22 12.31
CA SER B 88 -12.45 -9.12 11.20
C SER B 88 -12.65 -7.81 10.42
N GLU B 89 -13.88 -7.31 10.37
CA GLU B 89 -14.18 -6.06 9.68
C GLU B 89 -13.59 -4.83 10.38
N ASP B 90 -13.16 -4.95 11.64
CA ASP B 90 -12.52 -3.87 12.36
C ASP B 90 -11.03 -3.73 12.06
N THR B 91 -10.45 -4.63 11.27
CA THR B 91 -9.08 -4.47 10.84
C THR B 91 -8.94 -3.18 10.03
N ALA B 92 -7.98 -2.35 10.40
CA ALA B 92 -7.86 -1.03 9.79
C ALA B 92 -6.67 -0.30 10.40
N MET B 93 -6.24 0.75 9.70
CA MET B 93 -5.42 1.80 10.27
C MET B 93 -6.30 2.83 10.99
N TYR B 94 -5.97 3.07 12.25
CA TYR B 94 -6.80 4.00 13.05
C TYR B 94 -6.08 5.32 13.22
N TYR B 95 -6.75 6.38 12.78
CA TYR B 95 -6.17 7.73 12.87
C TYR B 95 -6.85 8.60 13.91
N CYS B 96 -6.06 9.34 14.69
CA CYS B 96 -6.70 10.35 15.54
C CYS B 96 -6.70 11.63 14.69
N THR B 97 -7.76 12.40 14.82
CA THR B 97 -7.96 13.59 13.97
C THR B 97 -8.41 14.78 14.82
N ARG B 98 -7.97 15.99 14.49
CA ARG B 98 -8.47 17.19 15.20
C ARG B 98 -9.47 17.92 14.31
N HIS B 99 -10.46 18.53 14.93
CA HIS B 99 -11.46 19.28 14.15
C HIS B 99 -11.19 20.78 14.22
N TYR B 100 -11.39 21.44 13.08
CA TYR B 100 -11.06 22.86 12.89
C TYR B 100 -12.17 23.78 13.40
N ASN B 101 -13.41 23.52 13.02
CA ASN B 101 -14.57 24.36 13.37
C ASN B 101 -15.81 23.47 13.31
N TYR B 102 -16.99 24.09 13.28
CA TYR B 102 -18.24 23.34 13.42
C TYR B 102 -18.83 22.91 12.08
N TYR B 103 -18.02 22.90 11.02
CA TYR B 103 -18.33 22.12 9.84
C TYR B 103 -17.47 20.85 9.77
N TYR B 104 -16.60 20.66 10.77
CA TYR B 104 -15.99 19.38 11.12
C TYR B 104 -15.03 18.83 10.08
N SER B 105 -14.37 19.69 9.31
CA SER B 105 -13.17 19.22 8.62
C SER B 105 -12.13 18.84 9.67
N MET B 106 -11.28 17.89 9.30
CA MET B 106 -10.26 17.38 10.19
C MET B 106 -8.91 17.97 9.75
N ASP B 107 -8.42 18.98 10.49
CA ASP B 107 -7.28 19.75 10.01
C ASP B 107 -5.94 19.15 10.37
N TYR B 108 -5.89 18.22 11.33
CA TYR B 108 -4.65 17.51 11.61
C TYR B 108 -4.98 16.05 11.85
N TRP B 109 -4.08 15.18 11.37
CA TRP B 109 -4.21 13.74 11.46
C TRP B 109 -2.93 13.20 12.07
N GLY B 110 -3.05 12.18 12.92
CA GLY B 110 -1.87 11.49 13.41
C GLY B 110 -1.33 10.52 12.37
N GLN B 111 -0.24 9.81 12.73
CA GLN B 111 0.41 8.90 11.79
C GLN B 111 -0.39 7.62 11.60
N GLY B 112 -1.34 7.36 12.48
CA GLY B 112 -2.11 6.13 12.40
C GLY B 112 -1.46 5.03 13.21
N THR B 113 -2.31 4.14 13.72
CA THR B 113 -1.88 2.91 14.38
C THR B 113 -2.68 1.77 13.79
N SER B 114 -1.99 0.67 13.49
CA SER B 114 -2.62 -0.43 12.77
C SER B 114 -3.21 -1.45 13.73
N VAL B 115 -4.44 -1.88 13.46
CA VAL B 115 -5.14 -2.89 14.24
C VAL B 115 -5.50 -4.04 13.30
N ILE B 116 -5.01 -5.23 13.62
CA ILE B 116 -5.27 -6.42 12.79
C ILE B 116 -6.06 -7.39 13.65
N VAL B 117 -7.24 -7.79 13.17
CA VAL B 117 -8.10 -8.73 13.91
C VAL B 117 -8.12 -10.04 13.12
N SER B 118 -7.35 -11.04 13.56
CA SER B 118 -7.46 -12.38 13.02
C SER B 118 -6.89 -13.38 14.01
N SER B 119 -7.14 -14.66 13.72
CA SER B 119 -6.58 -15.80 14.46
C SER B 119 -5.14 -16.11 14.07
N ALA B 120 -4.60 -15.50 13.01
CA ALA B 120 -3.25 -15.78 12.58
C ALA B 120 -2.25 -15.39 13.65
N LYS B 121 -1.21 -16.20 13.83
CA LYS B 121 -0.18 -15.85 14.80
C LYS B 121 1.05 -15.27 14.10
N THR B 122 1.80 -14.49 14.89
CA THR B 122 3.01 -13.85 14.38
C THR B 122 4.02 -14.89 13.93
N THR B 123 4.50 -14.73 12.71
CA THR B 123 5.34 -15.71 12.04
C THR B 123 6.47 -14.95 11.36
N PRO B 124 7.73 -15.33 11.66
CA PRO B 124 8.86 -14.73 10.96
C PRO B 124 8.88 -15.13 9.49
N PRO B 125 9.41 -14.29 8.62
CA PRO B 125 9.52 -14.65 7.21
C PRO B 125 10.66 -15.64 6.96
N SER B 126 10.47 -16.49 5.97
CA SER B 126 11.59 -17.13 5.30
C SER B 126 12.08 -16.20 4.20
N VAL B 127 13.39 -16.17 3.98
CA VAL B 127 14.00 -15.30 2.98
C VAL B 127 14.86 -16.15 2.07
N TYR B 128 14.66 -16.02 0.76
CA TYR B 128 15.39 -16.83 -0.20
C TYR B 128 16.11 -15.95 -1.23
N PRO B 129 17.40 -16.19 -1.45
CA PRO B 129 18.11 -15.48 -2.52
C PRO B 129 17.59 -15.85 -3.90
N LEU B 130 17.52 -14.86 -4.79
CA LEU B 130 17.08 -15.07 -6.16
C LEU B 130 18.26 -14.74 -7.06
N ALA B 131 19.16 -15.79 -7.33
CA ALA B 131 20.17 -15.61 -8.36
C ALA B 131 19.66 -16.16 -9.68
N PRO B 132 20.11 -15.64 -10.85
CA PRO B 132 19.55 -16.09 -12.12
C PRO B 132 19.63 -17.60 -12.33
N GLY B 133 20.78 -18.18 -11.98
CA GLY B 133 20.98 -19.62 -12.22
C GLY B 133 20.75 -20.00 -13.66
N SER B 134 19.93 -21.01 -13.91
CA SER B 134 19.60 -21.52 -15.26
C SER B 134 18.98 -20.42 -16.15
N ALA B 135 18.56 -19.30 -15.55
CA ALA B 135 17.95 -18.17 -16.29
C ALA B 135 18.97 -17.01 -16.39
N ALA B 136 20.23 -17.33 -16.54
CA ALA B 136 21.35 -16.35 -16.54
C ALA B 136 21.10 -15.14 -17.45
N GLN B 137 21.48 -13.90 -17.04
CA GLN B 137 21.31 -12.76 -17.96
C GLN B 137 22.69 -12.37 -18.53
N THR B 138 22.74 -11.69 -19.68
CA THR B 138 24.03 -11.38 -20.29
C THR B 138 24.21 -9.91 -20.74
N ASN B 139 23.35 -8.98 -20.32
CA ASN B 139 23.42 -7.59 -20.75
C ASN B 139 24.47 -6.82 -19.90
N SER B 140 24.50 -5.50 -19.99
CA SER B 140 25.32 -4.67 -19.11
C SER B 140 24.76 -4.55 -17.68
N MET B 141 23.56 -5.08 -17.43
CA MET B 141 22.84 -4.96 -16.17
C MET B 141 22.46 -6.37 -15.74
N VAL B 142 22.44 -6.62 -14.44
CA VAL B 142 21.89 -7.87 -13.94
C VAL B 142 20.83 -7.53 -12.90
N THR B 143 19.76 -8.32 -12.86
CA THR B 143 18.72 -8.15 -11.85
C THR B 143 18.73 -9.36 -10.93
N LEU B 144 18.72 -9.09 -9.63
CA LEU B 144 18.71 -10.09 -8.59
C LEU B 144 17.51 -9.83 -7.69
N GLY B 145 17.19 -10.79 -6.84
CA GLY B 145 16.04 -10.63 -6.00
C GLY B 145 16.18 -11.34 -4.67
N CYS B 146 15.24 -11.03 -3.77
CA CYS B 146 15.00 -11.78 -2.55
C CYS B 146 13.52 -12.06 -2.47
N LEU B 147 13.19 -13.31 -2.16
CA LEU B 147 11.82 -13.75 -1.94
C LEU B 147 11.57 -13.80 -0.43
N VAL B 148 10.61 -13.03 0.05
CA VAL B 148 10.30 -13.01 1.47
C VAL B 148 8.96 -13.69 1.65
N LYS B 149 8.96 -14.85 2.32
CA LYS B 149 7.79 -15.70 2.30
C LYS B 149 7.39 -16.16 3.69
N GLY B 150 6.08 -16.21 3.92
CA GLY B 150 5.52 -16.86 5.08
C GLY B 150 5.48 -16.08 6.37
N TYR B 151 5.42 -14.76 6.33
CA TYR B 151 5.39 -13.96 7.55
C TYR B 151 4.02 -13.35 7.84
N PHE B 152 3.85 -12.94 9.10
CA PHE B 152 2.64 -12.30 9.61
C PHE B 152 2.93 -11.59 10.91
N PRO B 153 2.37 -10.42 11.22
CA PRO B 153 1.66 -9.66 10.24
C PRO B 153 2.60 -8.76 9.44
N GLU B 154 2.01 -7.92 8.61
CA GLU B 154 2.85 -6.90 7.94
C GLU B 154 3.28 -5.92 9.02
N PRO B 155 4.35 -5.13 8.79
CA PRO B 155 5.11 -5.20 7.55
C PRO B 155 6.56 -5.67 7.66
N VAL B 156 7.17 -6.00 6.52
CA VAL B 156 8.62 -6.33 6.52
C VAL B 156 9.32 -5.13 5.89
N THR B 157 10.57 -4.90 6.23
CA THR B 157 11.35 -3.82 5.59
C THR B 157 12.49 -4.46 4.80
N VAL B 158 12.61 -4.15 3.51
CA VAL B 158 13.65 -4.75 2.69
C VAL B 158 14.63 -3.65 2.27
N THR B 159 15.91 -3.91 2.46
CA THR B 159 16.95 -3.04 1.93
C THR B 159 18.02 -3.91 1.30
N TRP B 160 18.81 -3.26 0.45
CA TRP B 160 19.90 -3.90 -0.27
C TRP B 160 21.21 -3.25 0.10
N ASN B 161 22.20 -4.10 0.41
CA ASN B 161 23.51 -3.65 0.90
C ASN B 161 23.33 -2.56 1.96
N SER B 162 22.42 -2.85 2.91
CA SER B 162 22.16 -2.00 4.07
C SER B 162 21.70 -0.62 3.65
N GLY B 163 20.98 -0.53 2.53
CA GLY B 163 20.52 0.72 2.00
C GLY B 163 21.47 1.40 1.01
N SER B 164 22.71 0.89 0.86
CA SER B 164 23.65 1.49 -0.08
C SER B 164 23.29 1.23 -1.54
N LEU B 165 22.55 0.17 -1.83
CA LEU B 165 21.90 -0.03 -3.13
C LEU B 165 20.46 0.44 -2.93
N SER B 166 20.19 1.69 -3.26
CA SER B 166 18.85 2.26 -3.12
C SER B 166 18.18 2.48 -4.45
N SER B 167 18.92 2.99 -5.43
CA SER B 167 18.39 3.11 -6.78
C SER B 167 18.30 1.73 -7.42
N GLY B 168 17.36 1.59 -8.35
CA GLY B 168 17.24 0.32 -9.03
C GLY B 168 16.61 -0.80 -8.21
N VAL B 169 15.92 -0.45 -7.10
CA VAL B 169 15.25 -1.41 -6.23
C VAL B 169 13.76 -1.34 -6.46
N HIS B 170 13.09 -2.49 -6.51
CA HIS B 170 11.64 -2.56 -6.52
C HIS B 170 11.24 -3.59 -5.47
N THR B 171 10.57 -3.13 -4.42
CA THR B 171 10.02 -4.04 -3.41
C THR B 171 8.50 -4.03 -3.57
N PHE B 172 7.95 -5.18 -3.89
CA PHE B 172 6.56 -5.27 -4.31
C PHE B 172 5.66 -5.45 -3.10
N PRO B 173 4.42 -4.94 -3.22
CA PRO B 173 3.48 -5.08 -2.10
C PRO B 173 3.29 -6.56 -1.81
N ALA B 174 3.17 -6.87 -0.52
CA ALA B 174 2.98 -8.25 -0.10
C ALA B 174 1.58 -8.72 -0.45
N VAL B 175 1.44 -10.04 -0.59
CA VAL B 175 0.14 -10.67 -0.83
C VAL B 175 -0.06 -11.84 0.12
N LEU B 176 -1.33 -12.10 0.44
CA LEU B 176 -1.70 -13.18 1.35
C LEU B 176 -1.75 -14.51 0.60
N GLN B 177 -0.95 -15.46 1.05
CA GLN B 177 -0.75 -16.75 0.39
C GLN B 177 -0.69 -17.79 1.49
N SER B 178 -1.68 -18.69 1.54
CA SER B 178 -1.84 -19.62 2.66
C SER B 178 -2.07 -18.86 3.97
N ASP B 179 -2.71 -17.70 3.88
CA ASP B 179 -3.01 -16.83 5.01
C ASP B 179 -1.75 -16.30 5.70
N LEU B 180 -0.65 -16.23 4.96
CA LEU B 180 0.60 -15.62 5.38
C LEU B 180 1.11 -14.72 4.26
N TYR B 181 1.90 -13.71 4.60
CA TYR B 181 2.37 -12.76 3.60
C TYR B 181 3.61 -13.22 2.84
N THR B 182 3.67 -12.83 1.57
CA THR B 182 4.83 -13.02 0.72
C THR B 182 5.02 -11.81 -0.17
N LEU B 183 6.29 -11.40 -0.31
CA LEU B 183 6.67 -10.38 -1.28
C LEU B 183 8.05 -10.73 -1.80
N SER B 184 8.38 -10.17 -2.95
CA SER B 184 9.73 -10.22 -3.47
C SER B 184 10.27 -8.81 -3.64
N SER B 185 11.60 -8.69 -3.61
CA SER B 185 12.26 -7.44 -3.92
C SER B 185 13.31 -7.69 -4.99
N SER B 186 13.39 -6.81 -5.97
CA SER B 186 14.38 -6.92 -7.02
C SER B 186 15.37 -5.76 -6.91
N VAL B 187 16.59 -6.04 -7.31
CA VAL B 187 17.64 -5.03 -7.40
C VAL B 187 18.39 -5.23 -8.72
N THR B 188 18.71 -4.12 -9.39
CA THR B 188 19.43 -4.15 -10.65
C THR B 188 20.77 -3.43 -10.45
N VAL B 189 21.85 -4.14 -10.74
CA VAL B 189 23.21 -3.59 -10.64
C VAL B 189 23.93 -3.84 -11.95
N PRO B 190 25.01 -3.11 -12.22
CA PRO B 190 25.80 -3.44 -13.42
C PRO B 190 26.30 -4.87 -13.33
N SER B 191 26.24 -5.59 -14.45
CA SER B 191 26.65 -6.99 -14.42
C SER B 191 28.13 -7.15 -14.11
N SER B 192 28.94 -6.14 -14.43
CA SER B 192 30.37 -6.17 -14.12
C SER B 192 30.62 -6.21 -12.63
N THR B 193 29.64 -5.78 -11.82
CA THR B 193 29.82 -5.65 -10.38
C THR B 193 29.34 -6.85 -9.59
N TRP B 194 28.74 -7.86 -10.23
CA TRP B 194 28.25 -9.02 -9.52
C TRP B 194 28.72 -10.25 -10.28
N PRO B 195 29.28 -11.27 -9.61
CA PRO B 195 29.44 -11.39 -8.16
C PRO B 195 30.70 -10.75 -7.56
N SER B 196 31.50 -10.03 -8.36
CA SER B 196 32.76 -9.47 -7.84
CA SER B 196 32.76 -9.49 -7.83
C SER B 196 32.51 -8.51 -6.69
N GLU B 197 31.33 -7.88 -6.65
CA GLU B 197 30.94 -7.04 -5.52
C GLU B 197 29.69 -7.65 -4.90
N THR B 198 29.74 -7.89 -3.58
CA THR B 198 28.67 -8.64 -2.94
C THR B 198 27.36 -7.86 -2.95
N VAL B 199 26.27 -8.59 -3.04
CA VAL B 199 24.91 -8.03 -3.03
C VAL B 199 24.11 -8.79 -1.99
N THR B 200 23.53 -8.06 -1.03
CA THR B 200 22.85 -8.68 0.11
C THR B 200 21.52 -7.99 0.35
N CYS B 201 20.45 -8.75 0.51
CA CYS B 201 19.20 -8.11 0.88
C CYS B 201 19.06 -8.23 2.39
N ASN B 202 18.46 -7.21 2.98
CA ASN B 202 18.37 -7.08 4.42
C ASN B 202 16.88 -7.05 4.70
N VAL B 203 16.37 -8.06 5.40
CA VAL B 203 14.94 -8.18 5.68
C VAL B 203 14.73 -8.04 7.18
N ALA B 204 13.87 -7.11 7.57
CA ALA B 204 13.52 -6.92 8.96
C ALA B 204 12.02 -7.15 9.16
N HIS B 205 11.68 -7.95 10.15
CA HIS B 205 10.29 -8.20 10.53
C HIS B 205 10.17 -7.86 12.01
N PRO B 206 9.87 -6.62 12.33
CA PRO B 206 9.89 -6.21 13.75
C PRO B 206 8.94 -7.04 14.61
N ALA B 207 7.75 -7.39 14.09
CA ALA B 207 6.77 -8.08 14.92
C ALA B 207 7.30 -9.41 15.44
N SER B 208 8.18 -10.06 14.68
CA SER B 208 8.84 -11.26 15.15
C SER B 208 10.24 -10.99 15.70
N SER B 209 10.66 -9.73 15.73
CA SER B 209 12.01 -9.37 16.15
C SER B 209 13.07 -10.17 15.37
N THR B 210 12.89 -10.29 14.06
CA THR B 210 13.82 -11.06 13.23
C THR B 210 14.54 -10.13 12.26
N LYS B 211 15.84 -10.35 12.11
CA LYS B 211 16.65 -9.74 11.06
C LYS B 211 17.38 -10.85 10.34
N VAL B 212 17.43 -10.76 9.01
CA VAL B 212 18.10 -11.77 8.20
C VAL B 212 18.76 -11.06 7.04
N ASP B 213 19.97 -11.48 6.72
CA ASP B 213 20.65 -11.10 5.49
C ASP B 213 20.76 -12.34 4.63
N LYS B 214 20.42 -12.21 3.36
CA LYS B 214 20.70 -13.23 2.37
C LYS B 214 21.64 -12.61 1.35
N LYS B 215 22.88 -13.09 1.35
CA LYS B 215 23.81 -12.83 0.27
C LYS B 215 23.28 -13.49 -1.01
N ILE B 216 23.29 -12.76 -2.11
CA ILE B 216 22.93 -13.32 -3.41
C ILE B 216 24.22 -13.89 -4.02
N VAL B 217 24.36 -15.22 -3.99
CA VAL B 217 25.55 -15.87 -4.52
C VAL B 217 25.18 -16.55 -5.82
N PRO B 218 26.06 -16.61 -6.82
CA PRO B 218 25.74 -17.41 -8.00
C PRO B 218 25.55 -18.87 -7.61
N ARG B 219 24.58 -19.47 -8.26
CA ARG B 219 24.22 -20.84 -7.90
C ARG B 219 25.35 -21.79 -8.20
N ASP B 220 25.49 -22.83 -7.38
CA ASP B 220 26.45 -23.90 -7.71
C ASP B 220 25.67 -24.83 -8.65
N CYS B 221 25.89 -24.73 -9.95
CA CYS B 221 25.11 -25.54 -10.94
C CYS B 221 25.64 -26.98 -11.00
C1 C0R C . -23.44 16.15 14.27
C2 C0R C . -23.38 17.50 14.98
C3 C0R C . -22.47 17.44 16.15
C4 C0R C . -21.25 16.67 15.97
C5 C0R C . -21.02 15.91 14.90
C6 C0R C . -19.69 15.27 14.69
C7 C0R C . -19.82 13.76 14.56
C8 C0R C . -20.79 13.36 13.45
C9 C0R C . -22.15 14.07 13.63
C10 C0R C . -22.07 15.62 13.82
C11 C0R C . -23.28 13.56 12.71
C12 C0R C . -23.36 12.03 12.62
C13 C0R C . -22.01 11.32 12.43
C14 C0R C . -21.04 11.86 13.49
C15 C0R C . -19.85 10.91 13.42
C16 C0R C . -20.53 9.53 13.29
C17 C0R C . -21.97 9.81 12.80
C18 C0R C . -21.49 11.51 11.00
C19 C0R C . -21.63 16.37 12.55
C20 C0R C . -22.38 8.85 11.71
C21 C0R C . -23.80 8.96 11.24
O1 C0R C . -22.74 17.99 17.22
O2 C0R C . -23.18 14.10 11.40
O3 C0R C . -21.63 8.03 11.25
O4 C0R C . -24.03 8.16 10.10
#